data_6SBC
#
_entry.id   6SBC
#
_cell.length_a   47.980
_cell.length_b   77.420
_cell.length_c   90.910
_cell.angle_alpha   90.000
_cell.angle_beta   90.000
_cell.angle_gamma   90.000
#
_symmetry.space_group_name_H-M   'P 21 21 21'
#
loop_
_entity.id
_entity.type
_entity.pdbx_description
1 polymer MstE
2 non-polymer 'farnesyl dihydroxybenzoate'
3 non-polymer 'CHLORIDE ION'
4 non-polymer 'SODIUM ION'
5 water water
#
_entity_poly.entity_id   1
_entity_poly.type   'polypeptide(L)'
_entity_poly.pdbx_seq_one_letter_code
;GSTLQPLENSTRQEKLLYPKLNQLSNSINAAVAFLLEARNLEGWWQDFNFPQAASIGDEWVTAYVGTMLATLPYAHVHEA
LMQAWELLKIRDHRPTGEWGYNYILCGDADTTGWALQLAAAVGASDSERAQQARAALATHLQPNGGIATFAEESIRAYIK
VPDLANVSFQGWCGAHTCVSAAVAALPEFRSRLHDYLRVTQTSQGNWEGYWWSDHEYTTALTAEALAAGGQAADQPSIEQ
AVAWGLKRLCPQGFVATSKHPNGSTFATAWCLRLLLLNTVDAEVKAARAAAIGWLLEQQRPNGSWVSSAYLRIPYPFDRN
PNQFPHWRYYDEIEGDKRFEGSIIFDHNSIFTTATVVNSLVKAAPML
;
_entity_poly.pdbx_strand_id   A
#
# COMPACT_ATOMS: atom_id res chain seq x y z
N LEU A 16 1.75 -17.83 -26.55
CA LEU A 16 2.32 -17.81 -25.15
C LEU A 16 3.78 -18.22 -25.21
N LEU A 17 4.65 -17.39 -24.64
CA LEU A 17 6.08 -17.67 -24.71
C LEU A 17 6.51 -18.41 -23.42
N TYR A 18 6.64 -19.75 -23.46
CA TYR A 18 6.92 -20.53 -22.22
C TYR A 18 8.16 -19.99 -21.50
N PRO A 19 9.19 -19.51 -22.22
CA PRO A 19 10.34 -18.88 -21.54
C PRO A 19 9.87 -17.74 -20.63
N LYS A 20 8.94 -16.91 -21.11
CA LYS A 20 8.53 -15.78 -20.28
C LYS A 20 7.76 -16.30 -19.04
N LEU A 21 6.91 -17.32 -19.16
CA LEU A 21 6.24 -17.90 -17.98
C LEU A 21 7.26 -18.49 -17.01
N ASN A 22 8.25 -19.18 -17.51
CA ASN A 22 9.30 -19.78 -16.65
CA ASN A 22 9.30 -19.79 -16.65
C ASN A 22 10.13 -18.66 -16.01
N GLN A 23 10.41 -17.59 -16.75
CA GLN A 23 11.11 -16.44 -16.11
C GLN A 23 10.27 -15.78 -15.02
N LEU A 24 8.97 -15.67 -15.25
CA LEU A 24 8.11 -15.21 -14.17
C LEU A 24 8.23 -16.12 -12.94
N SER A 25 8.22 -17.43 -13.10
CA SER A 25 8.44 -18.35 -11.96
C SER A 25 9.74 -18.01 -11.25
N ASN A 26 10.82 -17.95 -12.06
CA ASN A 26 12.16 -17.76 -11.46
C ASN A 26 12.22 -16.39 -10.74
N SER A 27 11.68 -15.37 -11.37
CA SER A 27 11.65 -14.00 -10.82
C SER A 27 10.87 -13.96 -9.49
N ILE A 28 9.71 -14.56 -9.53
CA ILE A 28 8.89 -14.58 -8.29
C ILE A 28 9.67 -15.32 -7.21
N ASN A 29 10.24 -16.48 -7.55
CA ASN A 29 10.94 -17.27 -6.54
C ASN A 29 12.10 -16.52 -5.92
N ALA A 30 12.87 -15.83 -6.76
CA ALA A 30 14.02 -15.07 -6.28
C ALA A 30 13.51 -13.97 -5.32
N ALA A 31 12.44 -13.30 -5.67
CA ALA A 31 11.85 -12.25 -4.80
C ALA A 31 11.34 -12.81 -3.48
N VAL A 32 10.68 -13.96 -3.54
CA VAL A 32 10.20 -14.59 -2.29
C VAL A 32 11.39 -14.92 -1.41
N ALA A 33 12.46 -15.47 -2.00
CA ALA A 33 13.65 -15.79 -1.19
C ALA A 33 14.22 -14.53 -0.54
N PHE A 34 14.36 -13.47 -1.31
CA PHE A 34 14.83 -12.17 -0.78
C PHE A 34 13.96 -11.77 0.42
N LEU A 35 12.65 -11.81 0.22
CA LEU A 35 11.75 -11.32 1.28
C LEU A 35 11.82 -12.21 2.52
N LEU A 36 11.84 -13.53 2.36
CA LEU A 36 11.91 -14.36 3.55
C LEU A 36 13.22 -14.17 4.32
N GLU A 37 14.32 -14.02 3.62
CA GLU A 37 15.63 -13.85 4.25
C GLU A 37 15.74 -12.46 4.89
N ALA A 38 14.93 -11.51 4.45
CA ALA A 38 15.06 -10.10 4.95
C ALA A 38 14.35 -9.88 6.28
N ARG A 39 13.74 -10.88 6.88
CA ARG A 39 13.05 -10.71 8.19
C ARG A 39 14.11 -10.58 9.30
N ASN A 40 13.72 -9.85 10.37
CA ASN A 40 14.63 -9.53 11.50
C ASN A 40 14.62 -10.68 12.53
N LEU A 41 15.16 -10.43 13.73
CA LEU A 41 15.34 -11.50 14.75
C LEU A 41 13.99 -12.16 15.09
N GLU A 42 12.96 -11.36 15.43
CA GLU A 42 11.66 -11.95 15.84
C GLU A 42 10.94 -12.52 14.60
N GLY A 43 11.25 -12.04 13.39
CA GLY A 43 10.56 -12.48 12.19
C GLY A 43 9.80 -11.38 11.47
N TRP A 44 9.94 -10.14 11.92
CA TRP A 44 9.24 -9.02 11.26
C TRP A 44 9.87 -8.66 9.92
N TRP A 45 9.03 -8.18 9.00
CA TRP A 45 9.49 -7.33 7.89
C TRP A 45 9.56 -5.90 8.38
N GLN A 46 10.67 -5.22 8.16
CA GLN A 46 10.90 -3.84 8.56
C GLN A 46 11.19 -2.99 7.33
N ASP A 47 10.71 -1.76 7.31
CA ASP A 47 11.10 -0.81 6.25
C ASP A 47 10.64 0.58 6.64
N PHE A 48 11.17 1.56 5.93
CA PHE A 48 11.03 2.99 6.13
C PHE A 48 11.73 3.42 7.42
N ASN A 49 12.13 4.68 7.46
CA ASN A 49 12.84 5.17 8.64
C ASN A 49 12.61 6.66 8.79
N PHE A 50 12.21 7.05 10.01
CA PHE A 50 12.20 8.46 10.47
C PHE A 50 13.33 8.59 11.46
N PRO A 51 14.54 8.93 10.99
CA PRO A 51 15.73 8.87 11.83
C PRO A 51 15.62 9.73 13.08
N GLN A 52 16.08 9.14 14.18
CA GLN A 52 16.17 9.77 15.50
C GLN A 52 14.76 10.14 15.95
N ALA A 53 13.74 9.49 15.41
CA ALA A 53 12.37 9.86 15.75
C ALA A 53 11.55 8.56 15.74
N ALA A 54 10.52 8.49 14.89
CA ALA A 54 9.63 7.32 14.86
C ALA A 54 10.40 6.06 14.44
N SER A 55 11.60 6.15 13.85
CA SER A 55 12.42 4.95 13.58
C SER A 55 11.74 4.14 12.47
N ILE A 56 11.85 2.83 12.58
CA ILE A 56 11.63 1.92 11.42
C ILE A 56 10.27 1.25 11.52
N GLY A 57 9.53 1.14 10.44
CA GLY A 57 8.23 0.49 10.45
C GLY A 57 8.35 -1.02 10.62
N ASP A 58 7.44 -1.63 11.37
CA ASP A 58 7.41 -3.10 11.49
C ASP A 58 5.99 -3.63 11.38
N GLU A 59 5.09 -3.24 12.31
CA GLU A 59 3.70 -3.77 12.25
C GLU A 59 3.08 -3.46 10.89
N TRP A 60 3.23 -2.21 10.43
CA TRP A 60 2.62 -1.84 9.14
C TRP A 60 3.27 -2.59 7.96
N VAL A 61 4.57 -2.58 7.97
CA VAL A 61 5.28 -3.20 6.83
C VAL A 61 4.98 -4.69 6.78
N THR A 62 4.95 -5.35 7.95
CA THR A 62 4.67 -6.79 8.03
C THR A 62 3.25 -7.06 7.59
N ALA A 63 2.29 -6.24 8.06
CA ALA A 63 0.91 -6.49 7.61
C ALA A 63 0.81 -6.38 6.08
N TYR A 64 1.44 -5.34 5.53
CA TYR A 64 1.38 -5.14 4.07
C TYR A 64 2.10 -6.25 3.27
N VAL A 65 3.31 -6.56 3.71
CA VAL A 65 4.08 -7.61 2.97
C VAL A 65 3.38 -8.95 3.09
N GLY A 66 2.89 -9.27 4.29
CA GLY A 66 2.17 -10.52 4.44
C GLY A 66 0.96 -10.57 3.53
N THR A 67 0.19 -9.49 3.47
CA THR A 67 -0.96 -9.45 2.57
C THR A 67 -0.50 -9.67 1.12
N MET A 68 0.54 -8.94 0.70
CA MET A 68 1.08 -9.09 -0.68
C MET A 68 1.43 -10.56 -0.98
N LEU A 69 2.02 -11.23 -0.01
CA LEU A 69 2.47 -12.62 -0.20
C LEU A 69 1.37 -13.65 -0.15
N ALA A 70 0.18 -13.26 0.30
CA ALA A 70 -0.92 -14.21 0.45
C ALA A 70 -1.36 -14.84 -0.89
N THR A 71 -0.99 -14.19 -1.98
CA THR A 71 -1.33 -14.71 -3.30
C THR A 71 -0.46 -15.91 -3.67
N LEU A 72 0.63 -16.20 -2.93
CA LEU A 72 1.49 -17.34 -3.30
C LEU A 72 0.88 -18.65 -2.80
N PRO A 73 0.99 -19.76 -3.56
CA PRO A 73 0.45 -21.05 -3.14
C PRO A 73 1.37 -21.85 -2.21
N TYR A 74 2.53 -21.34 -1.92
CA TYR A 74 3.63 -22.11 -1.28
C TYR A 74 3.40 -22.27 0.21
N ALA A 75 3.57 -23.47 0.68
CA ALA A 75 3.40 -23.78 2.10
C ALA A 75 4.37 -22.97 2.92
N HIS A 76 5.60 -22.75 2.50
CA HIS A 76 6.56 -22.03 3.34
C HIS A 76 6.19 -20.53 3.44
N VAL A 77 5.52 -20.02 2.41
CA VAL A 77 5.05 -18.63 2.46
C VAL A 77 3.85 -18.60 3.44
N HIS A 78 2.92 -19.55 3.32
CA HIS A 78 1.80 -19.54 4.28
C HIS A 78 2.36 -19.59 5.69
N GLU A 79 3.35 -20.40 5.97
CA GLU A 79 4.01 -20.46 7.30
C GLU A 79 4.52 -19.09 7.72
N ALA A 80 5.16 -18.37 6.84
CA ALA A 80 5.64 -17.02 7.13
C ALA A 80 4.48 -16.09 7.49
N LEU A 81 3.37 -16.20 6.77
CA LEU A 81 2.18 -15.37 7.10
C LEU A 81 1.60 -15.76 8.44
N MET A 82 1.56 -17.05 8.78
CA MET A 82 1.05 -17.48 10.11
CA MET A 82 1.02 -17.43 10.12
C MET A 82 1.95 -16.88 11.19
N GLN A 83 3.24 -16.86 10.97
CA GLN A 83 4.18 -16.28 11.93
C GLN A 83 3.96 -14.76 12.03
N ALA A 84 3.78 -14.09 10.90
CA ALA A 84 3.49 -12.65 10.89
C ALA A 84 2.26 -12.36 11.75
N TRP A 85 1.20 -13.14 11.56
CA TRP A 85 -0.01 -12.94 12.38
C TRP A 85 0.29 -13.15 13.87
N GLU A 86 1.03 -14.18 14.23
CA GLU A 86 1.43 -14.39 15.62
C GLU A 86 2.16 -13.18 16.17
N LEU A 87 3.04 -12.59 15.37
CA LEU A 87 3.80 -11.39 15.81
C LEU A 87 2.84 -10.21 16.00
N LEU A 88 1.90 -10.04 15.10
CA LEU A 88 0.89 -8.96 15.25
C LEU A 88 0.06 -9.22 16.50
N LYS A 89 -0.33 -10.44 16.79
CA LYS A 89 -1.12 -10.68 18.01
C LYS A 89 -0.32 -10.34 19.26
N ILE A 90 0.99 -10.48 19.30
CA ILE A 90 1.82 -10.11 20.47
C ILE A 90 1.84 -8.58 20.65
N ARG A 91 1.59 -7.81 19.61
CA ARG A 91 1.50 -6.33 19.69
C ARG A 91 0.12 -5.92 20.15
N ASP A 92 -0.13 -6.23 21.42
CA ASP A 92 -1.48 -6.04 22.05
C ASP A 92 -1.40 -4.97 23.12
N HIS A 93 -0.47 -4.05 23.03
CA HIS A 93 -0.19 -3.05 24.10
C HIS A 93 -1.06 -1.80 24.00
N ARG A 94 -1.83 -1.65 22.93
CA ARG A 94 -2.66 -0.43 22.75
C ARG A 94 -4.05 -0.72 23.27
N PRO A 95 -4.66 0.21 24.03
CA PRO A 95 -5.98 -0.05 24.62
C PRO A 95 -7.11 -0.32 23.59
N THR A 96 -6.94 0.20 22.38
CA THR A 96 -7.94 0.11 21.28
C THR A 96 -7.90 -1.25 20.54
N GLY A 97 -6.81 -1.99 20.69
CA GLY A 97 -6.61 -3.18 19.85
C GLY A 97 -6.06 -2.89 18.48
N GLU A 98 -5.73 -1.64 18.17
N GLU A 98 -5.79 -1.62 18.16
CA GLU A 98 -5.22 -1.32 16.83
CA GLU A 98 -5.23 -1.22 16.84
C GLU A 98 -3.74 -1.64 16.72
C GLU A 98 -3.77 -1.61 16.72
N TRP A 99 -3.29 -1.67 15.47
CA TRP A 99 -1.87 -1.70 15.17
C TRP A 99 -1.45 -0.33 14.64
N GLY A 100 -0.15 -0.11 14.66
CA GLY A 100 0.44 1.14 14.22
C GLY A 100 1.73 0.92 13.43
N TYR A 101 2.39 2.02 13.12
CA TYR A 101 3.56 1.97 12.26
C TYR A 101 4.61 1.03 12.85
N ASN A 102 4.85 1.17 14.11
CA ASN A 102 5.71 0.27 14.89
C ASN A 102 5.30 0.37 16.38
N TYR A 103 6.05 -0.24 17.28
CA TYR A 103 5.61 -0.37 18.69
C TYR A 103 5.32 0.99 19.31
N ILE A 104 6.16 1.97 19.02
CA ILE A 104 6.13 3.25 19.77
C ILE A 104 5.06 4.18 19.21
N LEU A 105 4.49 3.89 18.06
CA LEU A 105 3.41 4.73 17.49
C LEU A 105 2.07 4.32 18.05
N CYS A 106 1.18 5.30 18.10
CA CYS A 106 -0.22 5.01 18.36
C CYS A 106 -0.82 4.22 17.23
N GLY A 107 -1.99 3.68 17.42
CA GLY A 107 -2.70 2.96 16.38
C GLY A 107 -3.04 3.85 15.24
N ASP A 108 -3.21 3.24 14.07
CA ASP A 108 -3.70 3.94 12.88
C ASP A 108 -4.55 2.99 12.04
N ALA A 109 -5.48 3.56 11.29
CA ALA A 109 -6.44 2.81 10.49
C ALA A 109 -5.73 2.10 9.34
N ASP A 110 -4.67 2.66 8.78
CA ASP A 110 -4.04 2.02 7.61
C ASP A 110 -3.37 0.71 8.03
N THR A 111 -2.51 0.78 9.05
CA THR A 111 -1.86 -0.44 9.52
C THR A 111 -2.92 -1.46 9.92
N THR A 112 -3.96 -1.00 10.65
CA THR A 112 -4.98 -1.91 11.17
C THR A 112 -5.71 -2.58 10.00
N GLY A 113 -6.06 -1.83 8.98
CA GLY A 113 -6.68 -2.43 7.80
C GLY A 113 -5.82 -3.51 7.13
N TRP A 114 -4.53 -3.24 6.94
CA TRP A 114 -3.65 -4.26 6.32
C TRP A 114 -3.52 -5.45 7.25
N ALA A 115 -3.45 -5.26 8.56
CA ALA A 115 -3.33 -6.36 9.50
C ALA A 115 -4.57 -7.26 9.41
N LEU A 116 -5.75 -6.66 9.20
CA LEU A 116 -6.99 -7.42 9.06
C LEU A 116 -7.05 -8.18 7.75
N GLN A 117 -6.43 -7.62 6.70
CA GLN A 117 -6.32 -8.42 5.44
C GLN A 117 -5.40 -9.63 5.66
N LEU A 118 -4.33 -9.44 6.39
CA LEU A 118 -3.44 -10.56 6.69
C LEU A 118 -4.18 -11.57 7.54
N ALA A 119 -4.95 -11.11 8.54
CA ALA A 119 -5.72 -12.05 9.39
C ALA A 119 -6.63 -12.91 8.50
N ALA A 120 -7.28 -12.32 7.51
CA ALA A 120 -8.16 -13.11 6.63
C ALA A 120 -7.40 -14.20 5.88
N ALA A 121 -6.20 -13.88 5.41
CA ALA A 121 -5.38 -14.85 4.67
C ALA A 121 -5.01 -16.06 5.52
N VAL A 122 -4.96 -15.87 6.85
CA VAL A 122 -4.56 -16.95 7.75
C VAL A 122 -5.76 -17.49 8.53
N GLY A 123 -6.98 -17.16 8.09
CA GLY A 123 -8.17 -17.73 8.70
C GLY A 123 -8.55 -17.14 10.05
N ALA A 124 -8.03 -15.96 10.37
CA ALA A 124 -8.23 -15.38 11.70
C ALA A 124 -9.12 -14.14 11.62
N SER A 125 -9.93 -13.96 10.60
CA SER A 125 -10.83 -12.77 10.53
CA SER A 125 -10.78 -12.73 10.56
C SER A 125 -11.80 -12.76 11.71
N ASP A 126 -12.14 -13.95 12.23
CA ASP A 126 -13.18 -14.07 13.28
C ASP A 126 -12.52 -14.20 14.65
N SER A 127 -11.22 -14.01 14.77
CA SER A 127 -10.49 -14.08 16.04
C SER A 127 -10.96 -12.92 16.94
N GLU A 128 -10.76 -13.10 18.23
CA GLU A 128 -11.08 -12.03 19.20
C GLU A 128 -10.32 -10.76 18.81
N ARG A 129 -9.02 -10.89 18.49
CA ARG A 129 -8.21 -9.69 18.22
C ARG A 129 -8.71 -9.00 16.96
N ALA A 130 -8.97 -9.76 15.91
CA ALA A 130 -9.47 -9.16 14.67
C ALA A 130 -10.80 -8.43 14.92
N GLN A 131 -11.67 -9.05 15.72
CA GLN A 131 -12.98 -8.42 15.99
C GLN A 131 -12.76 -7.08 16.74
N GLN A 132 -11.82 -7.07 17.68
CA GLN A 132 -11.52 -5.86 18.48
C GLN A 132 -10.94 -4.77 17.57
N ALA A 133 -10.01 -5.15 16.70
CA ALA A 133 -9.35 -4.19 15.79
C ALA A 133 -10.34 -3.67 14.76
N ARG A 134 -11.23 -4.48 14.24
CA ARG A 134 -12.26 -4.01 13.30
C ARG A 134 -13.18 -3.00 13.97
N ALA A 135 -13.58 -3.31 15.19
CA ALA A 135 -14.40 -2.37 15.99
C ALA A 135 -13.67 -1.04 16.13
N ALA A 136 -12.38 -1.07 16.50
CA ALA A 136 -11.61 0.14 16.60
C ALA A 136 -11.62 0.92 15.28
N LEU A 137 -11.54 0.24 14.13
CA LEU A 137 -11.55 0.96 12.83
C LEU A 137 -12.76 1.84 12.69
N ALA A 138 -13.87 1.38 13.27
CA ALA A 138 -15.12 2.12 13.12
C ALA A 138 -14.97 3.51 13.71
N THR A 139 -14.10 3.73 14.72
CA THR A 139 -13.95 5.08 15.34
C THR A 139 -13.33 6.05 14.36
N HIS A 140 -12.63 5.53 13.33
CA HIS A 140 -11.95 6.38 12.36
C HIS A 140 -12.88 6.81 11.22
N LEU A 141 -14.12 6.31 11.16
CA LEU A 141 -15.06 6.72 10.11
C LEU A 141 -15.38 8.19 10.29
N GLN A 142 -15.48 8.94 9.19
CA GLN A 142 -15.68 10.41 9.19
C GLN A 142 -17.09 10.71 8.70
N PRO A 143 -17.61 11.89 9.07
CA PRO A 143 -18.93 12.32 8.60
C PRO A 143 -19.11 12.38 7.08
N ASN A 144 -18.02 12.44 6.31
CA ASN A 144 -18.08 12.41 4.82
C ASN A 144 -18.05 10.99 4.26
N GLY A 145 -17.89 10.00 5.12
CA GLY A 145 -18.00 8.57 4.78
C GLY A 145 -16.68 7.87 4.49
N GLY A 146 -15.58 8.59 4.60
CA GLY A 146 -14.23 8.00 4.49
C GLY A 146 -13.63 7.61 5.84
N ILE A 147 -12.40 7.12 5.88
CA ILE A 147 -11.62 6.67 7.04
C ILE A 147 -10.45 7.62 7.23
N ALA A 148 -10.27 8.13 8.44
CA ALA A 148 -9.09 8.91 8.80
C ALA A 148 -7.98 8.01 9.35
N THR A 149 -6.73 8.35 9.06
CA THR A 149 -5.60 7.53 9.55
C THR A 149 -5.53 7.52 11.07
N PHE A 150 -5.56 8.71 11.65
CA PHE A 150 -5.27 8.88 13.08
C PHE A 150 -6.46 9.49 13.82
N ALA A 151 -6.61 9.09 15.09
CA ALA A 151 -7.37 9.88 16.07
C ALA A 151 -6.51 11.04 16.57
N GLU A 152 -7.11 12.21 16.70
CA GLU A 152 -6.32 13.41 17.04
C GLU A 152 -5.62 13.24 18.39
N GLU A 153 -6.35 12.80 19.41
CA GLU A 153 -5.77 12.75 20.79
C GLU A 153 -4.55 11.82 20.79
N SER A 154 -4.64 10.70 20.08
CA SER A 154 -3.58 9.64 20.03
C SER A 154 -2.32 10.19 19.33
N ILE A 155 -2.48 10.84 18.17
CA ILE A 155 -1.27 11.27 17.46
C ILE A 155 -0.67 12.54 18.06
N ARG A 156 -1.49 13.42 18.64
CA ARG A 156 -0.94 14.61 19.32
C ARG A 156 -0.12 14.14 20.52
N ALA A 157 -0.60 13.09 21.21
CA ALA A 157 0.07 12.60 22.42
C ALA A 157 1.46 12.08 22.01
N TYR A 158 1.57 11.51 20.82
CA TYR A 158 2.80 10.87 20.36
C TYR A 158 3.78 11.98 19.97
N ILE A 159 3.29 12.96 19.21
CA ILE A 159 4.14 14.02 18.61
C ILE A 159 4.61 14.98 19.71
N LYS A 160 5.91 15.28 19.74
CA LYS A 160 6.51 16.14 20.80
C LYS A 160 7.40 17.22 20.21
N VAL A 161 6.92 17.83 19.13
CA VAL A 161 7.66 18.85 18.34
C VAL A 161 7.08 20.19 18.74
N PRO A 162 7.87 21.12 19.33
CA PRO A 162 7.29 22.36 19.87
C PRO A 162 6.45 23.16 18.87
N ASP A 163 6.91 23.29 17.62
CA ASP A 163 6.24 24.20 16.65
C ASP A 163 4.99 23.51 16.08
N LEU A 164 4.70 22.27 16.47
CA LEU A 164 3.41 21.60 16.13
C LEU A 164 2.47 21.52 17.35
N ALA A 165 2.86 22.02 18.53
CA ALA A 165 2.07 21.85 19.77
C ALA A 165 0.64 22.41 19.56
N ASN A 166 0.51 23.58 18.96
CA ASN A 166 -0.81 24.27 18.94
C ASN A 166 -1.30 24.36 17.48
N VAL A 167 -0.83 23.47 16.63
CA VAL A 167 -1.29 23.48 15.21
C VAL A 167 -2.48 22.52 15.03
N SER A 168 -3.24 22.73 13.97
CA SER A 168 -4.31 21.80 13.55
C SER A 168 -3.69 20.44 13.17
N PHE A 169 -4.34 19.34 13.55
CA PHE A 169 -4.06 17.98 13.05
C PHE A 169 -5.17 17.50 12.10
N GLN A 170 -5.98 18.41 11.57
CA GLN A 170 -7.13 18.00 10.76
C GLN A 170 -6.70 17.41 9.41
N GLY A 171 -5.48 17.70 8.97
CA GLY A 171 -4.97 16.97 7.82
C GLY A 171 -4.74 15.48 8.11
N TRP A 172 -3.94 15.20 9.13
CA TRP A 172 -3.65 13.81 9.51
C TRP A 172 -4.87 13.05 10.02
N CYS A 173 -5.86 13.78 10.53
CA CYS A 173 -7.05 13.18 11.21
C CYS A 173 -8.30 13.33 10.34
N GLY A 174 -8.13 13.69 9.08
CA GLY A 174 -9.20 13.74 8.10
C GLY A 174 -9.30 12.45 7.30
N ALA A 175 -10.38 12.32 6.57
CA ALA A 175 -10.60 11.18 5.67
C ALA A 175 -9.49 11.18 4.61
N HIS A 176 -8.94 9.99 4.42
CA HIS A 176 -7.85 9.73 3.47
C HIS A 176 -8.29 8.68 2.45
N THR A 177 -8.13 8.99 1.15
CA THR A 177 -8.64 8.08 0.16
C THR A 177 -7.81 6.79 0.10
N CYS A 178 -6.48 6.91 0.25
CA CYS A 178 -5.59 5.76 0.26
C CYS A 178 -5.96 4.73 1.34
N VAL A 179 -6.20 5.26 2.53
CA VAL A 179 -6.53 4.38 3.67
C VAL A 179 -7.96 3.87 3.50
N SER A 180 -8.86 4.73 3.01
CA SER A 180 -10.25 4.30 2.77
C SER A 180 -10.30 3.14 1.77
N ALA A 181 -9.50 3.22 0.71
CA ALA A 181 -9.44 2.18 -0.32
C ALA A 181 -8.93 0.86 0.29
N ALA A 182 -7.90 0.92 1.11
CA ALA A 182 -7.35 -0.28 1.75
C ALA A 182 -8.37 -0.88 2.70
N VAL A 183 -9.02 -0.06 3.55
CA VAL A 183 -10.04 -0.58 4.50
C VAL A 183 -11.22 -1.16 3.74
N ALA A 184 -11.53 -0.63 2.56
CA ALA A 184 -12.66 -1.15 1.75
C ALA A 184 -12.33 -2.52 1.18
N ALA A 185 -11.09 -3.00 1.29
CA ALA A 185 -10.76 -4.40 0.93
C ALA A 185 -11.43 -5.37 1.93
N LEU A 186 -11.82 -4.83 3.09
CA LEU A 186 -12.47 -5.65 4.14
C LEU A 186 -13.97 -5.68 3.88
N PRO A 187 -14.58 -6.87 3.77
CA PRO A 187 -15.99 -6.95 3.41
C PRO A 187 -16.92 -6.19 4.37
N GLU A 188 -16.58 -6.13 5.65
CA GLU A 188 -17.42 -5.47 6.69
C GLU A 188 -17.54 -3.96 6.42
N PHE A 189 -16.56 -3.35 5.78
CA PHE A 189 -16.46 -1.90 5.56
C PHE A 189 -16.79 -1.49 4.12
N ARG A 190 -16.79 -2.42 3.17
CA ARG A 190 -16.83 -2.05 1.75
C ARG A 190 -18.09 -1.22 1.47
N SER A 191 -19.25 -1.67 1.96
CA SER A 191 -20.53 -1.01 1.62
C SER A 191 -20.58 0.39 2.28
N ARG A 192 -20.08 0.51 3.50
CA ARG A 192 -20.06 1.80 4.22
C ARG A 192 -19.17 2.83 3.52
N LEU A 193 -18.07 2.38 2.90
CA LEU A 193 -17.10 3.32 2.28
C LEU A 193 -17.44 3.59 0.80
N HIS A 194 -18.38 2.84 0.24
CA HIS A 194 -18.70 2.89 -1.20
C HIS A 194 -18.87 4.32 -1.72
N ASP A 195 -19.76 5.07 -1.11
CA ASP A 195 -20.14 6.37 -1.69
C ASP A 195 -18.93 7.30 -1.65
N TYR A 196 -18.18 7.27 -0.58
CA TYR A 196 -16.98 8.13 -0.44
C TYR A 196 -16.01 7.78 -1.58
N LEU A 197 -15.77 6.49 -1.78
CA LEU A 197 -14.85 6.10 -2.87
C LEU A 197 -15.43 6.59 -4.19
N ARG A 198 -16.72 6.43 -4.44
CA ARG A 198 -17.25 6.92 -5.72
C ARG A 198 -17.07 8.43 -5.92
N VAL A 199 -17.37 9.25 -4.92
CA VAL A 199 -17.42 10.71 -5.14
C VAL A 199 -16.01 11.28 -5.23
N THR A 200 -14.99 10.56 -4.75
CA THR A 200 -13.60 11.08 -4.76
C THR A 200 -12.86 10.76 -6.06
N GLN A 201 -13.46 10.01 -6.96
CA GLN A 201 -12.81 9.74 -8.27
C GLN A 201 -12.65 11.07 -9.02
N THR A 202 -11.47 11.32 -9.62
CA THR A 202 -11.21 12.54 -10.36
C THR A 202 -11.86 12.44 -11.73
N SER A 203 -11.89 13.56 -12.43
CA SER A 203 -12.43 13.61 -13.81
C SER A 203 -11.65 12.70 -14.78
N GLN A 204 -10.38 12.44 -14.49
CA GLN A 204 -9.49 11.66 -15.39
C GLN A 204 -9.64 10.16 -15.08
N GLY A 205 -10.32 9.76 -14.00
CA GLY A 205 -10.61 8.36 -13.73
C GLY A 205 -9.77 7.80 -12.59
N ASN A 206 -8.77 8.54 -12.14
CA ASN A 206 -7.90 8.09 -11.04
C ASN A 206 -8.44 8.61 -9.70
N TRP A 207 -7.82 8.10 -8.66
CA TRP A 207 -7.95 8.67 -7.29
C TRP A 207 -6.59 9.20 -6.88
N GLU A 208 -6.59 10.08 -5.92
CA GLU A 208 -5.38 10.64 -5.34
C GLU A 208 -5.37 10.31 -3.85
N GLY A 209 -4.21 9.93 -3.32
CA GLY A 209 -4.08 9.55 -1.92
C GLY A 209 -3.47 10.66 -1.10
N TYR A 210 -3.31 10.38 0.17
CA TYR A 210 -2.82 11.35 1.14
C TYR A 210 -1.34 11.14 1.38
N TRP A 211 -0.97 9.95 1.82
CA TRP A 211 0.42 9.63 2.26
C TRP A 211 1.32 9.19 1.09
N TRP A 212 0.75 9.02 -0.09
CA TRP A 212 1.50 8.43 -1.21
C TRP A 212 1.60 9.44 -2.32
N SER A 213 2.78 9.43 -2.94
CA SER A 213 3.02 10.26 -4.13
C SER A 213 2.35 9.60 -5.36
N ASP A 214 2.37 8.28 -5.42
CA ASP A 214 1.99 7.58 -6.67
C ASP A 214 0.49 7.22 -6.64
N HIS A 215 -0.28 7.89 -7.49
CA HIS A 215 -1.74 7.74 -7.53
C HIS A 215 -2.14 6.33 -7.94
N GLU A 216 -1.21 5.59 -8.61
CA GLU A 216 -1.54 4.20 -9.03
C GLU A 216 -1.91 3.33 -7.82
N TYR A 217 -1.28 3.59 -6.67
CA TYR A 217 -1.59 2.82 -5.47
C TYR A 217 -3.06 3.01 -5.05
N THR A 218 -3.45 4.26 -4.89
CA THR A 218 -4.81 4.56 -4.40
C THR A 218 -5.83 4.15 -5.46
N THR A 219 -5.48 4.35 -6.73
CA THR A 219 -6.40 4.07 -7.81
C THR A 219 -6.63 2.55 -7.94
N ALA A 220 -5.55 1.76 -7.92
CA ALA A 220 -5.70 0.30 -8.00
C ALA A 220 -6.52 -0.21 -6.82
N LEU A 221 -6.18 0.26 -5.60
CA LEU A 221 -6.90 -0.28 -4.44
C LEU A 221 -8.38 0.11 -4.48
N THR A 222 -8.67 1.33 -4.91
CA THR A 222 -10.10 1.77 -4.92
C THR A 222 -10.89 0.98 -5.96
N ALA A 223 -10.28 0.85 -7.17
CA ALA A 223 -10.97 0.13 -8.25
C ALA A 223 -11.16 -1.35 -7.84
N GLU A 224 -10.18 -1.91 -7.13
CA GLU A 224 -10.30 -3.30 -6.65
C GLU A 224 -11.45 -3.42 -5.63
N ALA A 225 -11.60 -2.44 -4.73
CA ALA A 225 -12.68 -2.50 -3.74
C ALA A 225 -14.03 -2.41 -4.45
N LEU A 226 -14.14 -1.51 -5.44
CA LEU A 226 -15.40 -1.42 -6.22
C LEU A 226 -15.65 -2.73 -6.96
N ALA A 227 -14.62 -3.31 -7.55
CA ALA A 227 -14.79 -4.59 -8.25
C ALA A 227 -15.27 -5.68 -7.31
N ALA A 228 -14.69 -5.75 -6.13
CA ALA A 228 -15.01 -6.84 -5.18
C ALA A 228 -16.48 -6.73 -4.69
N GLY A 229 -17.05 -5.53 -4.71
CA GLY A 229 -18.43 -5.31 -4.29
C GLY A 229 -19.41 -5.89 -5.31
N GLY A 230 -19.00 -6.01 -6.58
CA GLY A 230 -19.82 -6.69 -7.61
C GLY A 230 -21.00 -5.87 -8.10
N GLN A 231 -21.11 -4.60 -7.73
CA GLN A 231 -22.27 -3.79 -8.16
C GLN A 231 -22.03 -3.32 -9.60
N ALA A 232 -22.98 -3.56 -10.50
CA ALA A 232 -22.87 -3.11 -11.88
C ALA A 232 -22.76 -1.59 -11.96
N ALA A 233 -23.38 -0.87 -11.03
CA ALA A 233 -23.33 0.62 -11.02
C ALA A 233 -21.88 1.12 -10.96
N ASP A 234 -20.96 0.30 -10.43
CA ASP A 234 -19.56 0.75 -10.23
C ASP A 234 -18.67 0.40 -11.42
N GLN A 235 -19.18 -0.40 -12.36
CA GLN A 235 -18.29 -0.87 -13.44
C GLN A 235 -17.83 0.29 -14.32
N PRO A 236 -18.65 1.31 -14.66
CA PRO A 236 -18.12 2.41 -15.45
C PRO A 236 -16.91 3.08 -14.79
N SER A 237 -16.97 3.27 -13.48
CA SER A 237 -15.88 3.93 -12.74
C SER A 237 -14.62 3.06 -12.86
N ILE A 238 -14.80 1.77 -12.65
CA ILE A 238 -13.65 0.84 -12.74
C ILE A 238 -13.00 0.92 -14.15
N GLU A 239 -13.85 0.91 -15.17
CA GLU A 239 -13.35 0.98 -16.54
C GLU A 239 -12.64 2.30 -16.80
N GLN A 240 -13.11 3.40 -16.24
CA GLN A 240 -12.42 4.70 -16.45
C GLN A 240 -11.06 4.65 -15.76
N ALA A 241 -10.98 4.00 -14.61
CA ALA A 241 -9.71 3.87 -13.88
C ALA A 241 -8.74 3.00 -14.73
N VAL A 242 -9.23 1.89 -15.28
CA VAL A 242 -8.38 1.05 -16.16
C VAL A 242 -7.91 1.88 -17.34
N ALA A 243 -8.77 2.68 -17.96
CA ALA A 243 -8.39 3.53 -19.08
C ALA A 243 -7.30 4.52 -18.65
N TRP A 244 -7.40 5.06 -17.46
CA TRP A 244 -6.35 5.94 -16.92
C TRP A 244 -5.04 5.18 -16.78
N GLY A 245 -5.10 3.96 -16.27
CA GLY A 245 -3.91 3.14 -16.11
C GLY A 245 -3.23 2.86 -17.44
N LEU A 246 -4.05 2.59 -18.46
CA LEU A 246 -3.51 2.29 -19.77
C LEU A 246 -2.73 3.52 -20.24
N LYS A 247 -3.28 4.74 -20.02
CA LYS A 247 -2.61 6.01 -20.38
C LYS A 247 -1.29 6.18 -19.61
N ARG A 248 -1.27 5.82 -18.34
CA ARG A 248 -0.09 5.98 -17.46
C ARG A 248 1.05 5.07 -17.92
N LEU A 249 0.72 3.89 -18.40
CA LEU A 249 1.77 2.94 -18.78
C LEU A 249 2.33 3.31 -20.15
N CYS A 250 3.60 3.58 -20.22
CA CYS A 250 4.34 3.87 -21.47
CA CYS A 250 4.12 3.88 -21.56
C CYS A 250 4.41 2.58 -22.31
N PRO A 251 4.55 2.68 -23.64
CA PRO A 251 4.72 1.49 -24.51
C PRO A 251 5.85 0.54 -24.11
N GLN A 252 6.88 1.08 -23.50
CA GLN A 252 8.08 0.36 -23.02
C GLN A 252 7.75 -0.47 -21.79
N GLY A 253 6.60 -0.24 -21.15
CA GLY A 253 6.12 -1.12 -20.07
C GLY A 253 6.25 -0.54 -18.68
N PHE A 254 6.35 0.78 -18.52
CA PHE A 254 6.53 1.37 -17.18
C PHE A 254 5.71 2.66 -17.06
N VAL A 255 5.39 2.91 -15.79
CA VAL A 255 4.87 4.25 -15.39
C VAL A 255 6.04 5.17 -15.09
N ALA A 256 6.12 6.23 -15.90
CA ALA A 256 7.12 7.30 -15.75
C ALA A 256 6.64 8.30 -14.69
N THR A 257 7.56 8.70 -13.83
CA THR A 257 7.32 9.75 -12.82
C THR A 257 8.40 10.83 -12.91
N SER A 258 8.18 11.98 -12.29
CA SER A 258 9.20 13.03 -12.21
C SER A 258 10.49 12.48 -11.61
N LYS A 259 10.36 11.66 -10.59
CA LYS A 259 11.53 11.16 -9.86
C LYS A 259 12.18 10.04 -10.68
N HIS A 260 11.36 9.22 -11.33
CA HIS A 260 11.85 8.07 -12.14
C HIS A 260 11.30 8.20 -13.55
N PRO A 261 11.90 9.09 -14.37
CA PRO A 261 11.32 9.33 -15.68
C PRO A 261 11.48 8.14 -16.65
N ASN A 262 12.29 7.14 -16.30
CA ASN A 262 12.40 5.88 -17.08
C ASN A 262 11.79 4.73 -16.33
N GLY A 263 10.91 5.05 -15.37
CA GLY A 263 10.02 4.02 -14.80
C GLY A 263 10.21 3.79 -13.31
N SER A 264 9.08 3.91 -12.58
CA SER A 264 8.97 3.56 -11.14
C SER A 264 8.54 2.10 -10.96
N THR A 265 9.32 1.29 -10.26
CA THR A 265 8.91 -0.13 -10.07
C THR A 265 7.62 -0.21 -9.23
N PHE A 266 7.49 0.65 -8.21
CA PHE A 266 6.29 0.62 -7.32
C PHE A 266 5.05 1.06 -8.09
N ALA A 267 5.14 2.19 -8.81
CA ALA A 267 3.99 2.70 -9.55
C ALA A 267 3.60 1.72 -10.66
N THR A 268 4.62 1.12 -11.32
CA THR A 268 4.31 0.16 -12.42
C THR A 268 3.60 -1.07 -11.85
N ALA A 269 4.08 -1.58 -10.72
CA ALA A 269 3.43 -2.78 -10.11
C ALA A 269 1.95 -2.49 -9.78
N TRP A 270 1.70 -1.32 -9.16
CA TRP A 270 0.32 -0.99 -8.82
C TRP A 270 -0.51 -0.77 -10.10
N CYS A 271 0.11 -0.13 -11.13
CA CYS A 271 -0.62 0.01 -12.38
C CYS A 271 -0.97 -1.38 -12.98
N LEU A 272 -0.01 -2.30 -12.93
CA LEU A 272 -0.27 -3.65 -13.43
C LEU A 272 -1.46 -4.30 -12.70
N ARG A 273 -1.54 -4.13 -11.37
CA ARG A 273 -2.71 -4.65 -10.63
C ARG A 273 -3.99 -3.97 -11.13
N LEU A 274 -3.93 -2.66 -11.33
CA LEU A 274 -5.13 -1.97 -11.85
C LEU A 274 -5.60 -2.58 -13.17
N LEU A 275 -4.65 -2.86 -14.05
CA LEU A 275 -4.99 -3.34 -15.40
C LEU A 275 -5.55 -4.77 -15.40
N LEU A 276 -5.40 -5.48 -14.31
CA LEU A 276 -6.00 -6.82 -14.17
C LEU A 276 -7.52 -6.75 -14.12
N LEU A 277 -8.05 -5.55 -13.88
CA LEU A 277 -9.50 -5.41 -13.69
C LEU A 277 -10.29 -5.39 -14.99
N ASN A 278 -9.62 -5.48 -16.12
CA ASN A 278 -10.25 -5.68 -17.45
C ASN A 278 -9.53 -6.83 -18.14
N THR A 279 -10.24 -7.92 -18.39
CA THR A 279 -9.59 -9.13 -18.96
C THR A 279 -10.01 -9.34 -20.39
N VAL A 280 -10.75 -8.41 -20.98
CA VAL A 280 -11.33 -8.58 -22.33
C VAL A 280 -10.55 -7.75 -23.37
N ASP A 281 -10.11 -6.55 -23.04
CA ASP A 281 -9.58 -5.55 -23.99
C ASP A 281 -8.17 -5.97 -24.41
N ALA A 282 -7.92 -6.08 -25.71
CA ALA A 282 -6.61 -6.52 -26.18
C ALA A 282 -5.52 -5.49 -25.91
N GLU A 283 -5.84 -4.19 -25.91
CA GLU A 283 -4.82 -3.17 -25.64
C GLU A 283 -4.38 -3.30 -24.18
N VAL A 284 -5.35 -3.51 -23.28
CA VAL A 284 -5.04 -3.69 -21.84
C VAL A 284 -4.14 -4.93 -21.66
N LYS A 285 -4.47 -6.02 -22.36
CA LYS A 285 -3.69 -7.27 -22.26
C LYS A 285 -2.24 -7.03 -22.73
N ALA A 286 -2.09 -6.28 -23.81
CA ALA A 286 -0.75 -6.01 -24.36
C ALA A 286 0.03 -5.10 -23.39
N ALA A 287 -0.64 -4.17 -22.71
CA ALA A 287 0.01 -3.26 -21.78
C ALA A 287 0.52 -4.08 -20.57
N ARG A 288 -0.31 -4.99 -20.06
CA ARG A 288 0.13 -5.86 -18.96
C ARG A 288 1.36 -6.68 -19.37
N ALA A 289 1.37 -7.20 -20.59
CA ALA A 289 2.50 -8.01 -21.07
C ALA A 289 3.77 -7.16 -21.11
N ALA A 290 3.64 -5.90 -21.52
CA ALA A 290 4.79 -4.97 -21.55
C ALA A 290 5.29 -4.66 -20.15
N ALA A 291 4.35 -4.43 -19.19
CA ALA A 291 4.74 -4.15 -17.81
C ALA A 291 5.44 -5.36 -17.20
N ILE A 292 4.90 -6.56 -17.43
CA ILE A 292 5.59 -7.77 -16.93
C ILE A 292 7.00 -7.83 -17.50
N GLY A 293 7.19 -7.62 -18.83
CA GLY A 293 8.51 -7.71 -19.40
C GLY A 293 9.48 -6.71 -18.79
N TRP A 294 8.98 -5.48 -18.57
CA TRP A 294 9.87 -4.46 -18.01
C TRP A 294 10.25 -4.81 -16.57
N LEU A 295 9.24 -5.20 -15.78
CA LEU A 295 9.55 -5.60 -14.38
C LEU A 295 10.54 -6.78 -14.34
N LEU A 296 10.39 -7.75 -15.24
CA LEU A 296 11.35 -8.89 -15.22
C LEU A 296 12.78 -8.38 -15.52
N GLU A 297 12.91 -7.42 -16.45
CA GLU A 297 14.24 -6.89 -16.84
C GLU A 297 14.82 -6.05 -15.69
N GLN A 298 13.95 -5.40 -14.88
CA GLN A 298 14.47 -4.49 -13.83
C GLN A 298 14.86 -5.20 -12.53
N GLN A 299 14.51 -6.47 -12.38
CA GLN A 299 14.84 -7.18 -11.13
C GLN A 299 16.35 -7.23 -10.89
N ARG A 300 16.79 -7.00 -9.67
CA ARG A 300 18.20 -7.07 -9.25
C ARG A 300 18.62 -8.52 -9.04
N PRO A 301 19.93 -8.79 -9.08
CA PRO A 301 20.43 -10.15 -8.90
C PRO A 301 20.04 -10.85 -7.60
N ASN A 302 19.83 -10.06 -6.54
CA ASN A 302 19.43 -10.62 -5.22
C ASN A 302 17.91 -10.87 -5.15
N GLY A 303 17.16 -10.61 -6.23
CA GLY A 303 15.72 -10.89 -6.34
C GLY A 303 14.86 -9.68 -5.95
N SER A 304 15.45 -8.60 -5.45
CA SER A 304 14.73 -7.37 -5.14
C SER A 304 14.51 -6.52 -6.38
N TRP A 305 13.67 -5.51 -6.24
CA TRP A 305 13.57 -4.38 -7.15
C TRP A 305 14.06 -3.13 -6.43
N VAL A 306 14.47 -2.16 -7.23
CA VAL A 306 14.90 -0.82 -6.73
C VAL A 306 13.74 -0.18 -5.93
N SER A 307 14.08 0.36 -4.79
CA SER A 307 13.12 1.03 -3.89
C SER A 307 12.46 2.19 -4.63
N SER A 308 11.15 2.26 -4.55
CA SER A 308 10.42 3.41 -5.10
C SER A 308 9.09 3.63 -4.40
N ALA A 309 8.93 3.08 -3.21
CA ALA A 309 7.67 3.27 -2.44
C ALA A 309 7.77 4.59 -1.67
N TYR A 310 7.34 5.65 -2.29
CA TYR A 310 7.53 7.04 -1.77
C TYR A 310 6.35 7.42 -0.89
N LEU A 311 6.69 7.54 0.37
CA LEU A 311 5.79 7.92 1.50
C LEU A 311 6.06 9.37 1.84
N ARG A 312 5.02 10.18 1.74
CA ARG A 312 5.19 11.61 2.06
C ARG A 312 4.48 11.99 3.36
N ILE A 313 5.04 13.02 3.98
CA ILE A 313 4.50 13.48 5.27
C ILE A 313 4.01 14.90 5.07
N PRO A 314 2.68 15.09 4.86
CA PRO A 314 2.15 16.43 4.83
C PRO A 314 2.29 17.08 6.20
N TYR A 315 2.22 18.41 6.24
CA TYR A 315 2.02 19.09 7.52
C TYR A 315 0.73 18.58 8.15
N PRO A 316 0.68 18.49 9.51
CA PRO A 316 -0.51 17.91 10.16
C PRO A 316 -1.84 18.60 9.84
N PHE A 317 -1.71 19.89 9.50
CA PHE A 317 -2.87 20.76 9.22
C PHE A 317 -3.32 20.72 7.76
N ASP A 318 -2.56 19.99 6.90
CA ASP A 318 -2.75 20.06 5.44
C ASP A 318 -3.69 18.96 4.95
N ARG A 319 -4.88 19.35 4.50
CA ARG A 319 -5.87 18.39 4.02
C ARG A 319 -5.60 18.06 2.56
N ASN A 320 -4.70 18.79 1.92
CA ASN A 320 -4.63 18.77 0.45
C ASN A 320 -3.19 18.58 -0.02
N PRO A 321 -2.53 17.44 0.31
CA PRO A 321 -1.12 17.23 -0.09
C PRO A 321 -0.91 17.17 -1.61
N ASN A 322 -1.96 16.86 -2.39
CA ASN A 322 -1.83 16.88 -3.87
C ASN A 322 -1.84 18.31 -4.42
N GLN A 323 -2.00 19.28 -3.54
CA GLN A 323 -1.92 20.72 -3.83
C GLN A 323 -0.69 21.33 -3.16
N PHE A 324 0.23 20.53 -2.65
CA PHE A 324 1.48 21.00 -2.02
C PHE A 324 2.62 20.80 -3.01
N PRO A 325 3.16 21.90 -3.57
CA PRO A 325 4.13 21.76 -4.66
C PRO A 325 5.57 21.69 -4.15
N HIS A 326 5.81 21.66 -2.85
CA HIS A 326 7.13 21.85 -2.23
C HIS A 326 7.81 20.54 -1.82
N TRP A 327 7.23 19.39 -2.15
CA TRP A 327 7.81 18.11 -1.73
C TRP A 327 9.30 18.05 -2.03
N ARG A 328 10.07 17.59 -1.08
CA ARG A 328 11.49 17.23 -1.32
C ARG A 328 11.75 15.86 -0.75
N TYR A 329 12.77 15.19 -1.25
CA TYR A 329 13.19 13.86 -0.76
C TYR A 329 14.06 14.05 0.49
N TYR A 330 13.61 13.51 1.62
CA TYR A 330 14.27 13.74 2.91
C TYR A 330 15.77 13.48 2.83
N ASP A 331 16.13 12.37 2.21
CA ASP A 331 17.55 11.91 2.15
C ASP A 331 18.38 12.84 1.26
N GLU A 332 17.77 13.75 0.48
CA GLU A 332 18.51 14.68 -0.38
C GLU A 332 18.62 16.09 0.21
N ILE A 333 17.87 16.38 1.26
CA ILE A 333 17.88 17.74 1.83
C ILE A 333 19.23 17.97 2.51
N GLU A 334 19.90 19.07 2.14
CA GLU A 334 21.15 19.47 2.83
C GLU A 334 20.77 20.33 4.04
N GLY A 335 21.48 20.13 5.15
CA GLY A 335 21.35 20.98 6.35
C GLY A 335 20.10 20.66 7.13
N ASP A 336 19.59 21.64 7.89
CA ASP A 336 18.44 21.45 8.80
C ASP A 336 17.26 20.91 7.98
N LYS A 337 16.52 19.97 8.53
CA LYS A 337 15.39 19.39 7.78
C LYS A 337 14.36 18.87 8.75
N ARG A 338 13.16 18.72 8.23
CA ARG A 338 12.07 18.18 9.01
C ARG A 338 11.35 17.18 8.14
N PHE A 339 10.50 16.39 8.75
CA PHE A 339 9.74 15.37 8.01
C PHE A 339 8.61 16.00 7.19
N GLU A 340 7.97 17.01 7.78
CA GLU A 340 6.84 17.67 7.10
C GLU A 340 7.32 18.29 5.78
N GLY A 341 6.58 18.00 4.72
CA GLY A 341 6.93 18.44 3.38
C GLY A 341 7.99 17.59 2.74
N SER A 342 8.36 16.46 3.35
CA SER A 342 9.38 15.57 2.76
CA SER A 342 9.41 15.54 2.85
C SER A 342 8.80 14.20 2.42
N ILE A 343 9.57 13.50 1.60
CA ILE A 343 9.26 12.16 1.10
C ILE A 343 10.35 11.21 1.56
N ILE A 344 9.94 10.09 2.12
CA ILE A 344 10.88 9.03 2.49
C ILE A 344 10.56 7.80 1.66
N PHE A 345 11.44 6.82 1.72
CA PHE A 345 11.28 5.61 0.87
C PHE A 345 11.65 4.38 1.70
N ASP A 346 11.37 3.24 1.09
CA ASP A 346 11.57 1.92 1.68
C ASP A 346 13.05 1.57 1.47
N HIS A 347 13.93 1.94 2.38
CA HIS A 347 15.38 1.78 2.22
C HIS A 347 15.78 0.29 2.13
N ASN A 348 14.98 -0.66 2.64
CA ASN A 348 15.31 -2.09 2.54
C ASN A 348 14.80 -2.69 1.22
N SER A 349 14.02 -1.98 0.46
CA SER A 349 13.40 -2.46 -0.79
C SER A 349 12.41 -3.59 -0.52
N ILE A 350 11.99 -3.77 0.76
CA ILE A 350 11.08 -4.86 1.09
C ILE A 350 9.66 -4.49 0.59
N PHE A 351 9.26 -3.26 0.91
CA PHE A 351 7.91 -2.79 0.53
C PHE A 351 7.74 -2.86 -1.00
N THR A 352 8.73 -2.31 -1.70
CA THR A 352 8.63 -2.32 -3.18
C THR A 352 8.64 -3.77 -3.71
N THR A 353 9.59 -4.59 -3.22
CA THR A 353 9.71 -5.92 -3.78
C THR A 353 8.44 -6.72 -3.53
N ALA A 354 7.84 -6.61 -2.34
CA ALA A 354 6.59 -7.34 -2.06
C ALA A 354 5.50 -6.91 -3.05
N THR A 355 5.43 -5.60 -3.30
CA THR A 355 4.44 -5.07 -4.23
C THR A 355 4.63 -5.68 -5.63
N VAL A 356 5.88 -5.64 -6.10
CA VAL A 356 6.13 -6.13 -7.48
C VAL A 356 5.79 -7.63 -7.55
N VAL A 357 6.27 -8.39 -6.60
CA VAL A 357 6.08 -9.84 -6.70
C VAL A 357 4.59 -10.16 -6.67
N ASN A 358 3.81 -9.44 -5.82
CA ASN A 358 2.36 -9.66 -5.85
C ASN A 358 1.76 -9.37 -7.23
N SER A 359 2.17 -8.28 -7.85
CA SER A 359 1.59 -7.91 -9.16
C SER A 359 1.92 -8.97 -10.21
N LEU A 360 3.13 -9.53 -10.13
CA LEU A 360 3.54 -10.56 -11.13
C LEU A 360 2.82 -11.88 -10.92
N VAL A 361 2.59 -12.27 -9.68
CA VAL A 361 1.83 -13.49 -9.40
C VAL A 361 0.42 -13.30 -9.95
N LYS A 362 -0.19 -12.14 -9.66
CA LYS A 362 -1.58 -11.92 -10.12
C LYS A 362 -1.66 -11.82 -11.64
N ALA A 363 -0.65 -11.23 -12.29
CA ALA A 363 -0.77 -10.97 -13.74
C ALA A 363 -0.40 -12.19 -14.60
N ALA A 364 0.43 -13.08 -14.08
CA ALA A 364 0.98 -14.20 -14.88
C ALA A 364 -0.13 -14.97 -15.59
N PRO A 365 -1.22 -15.35 -14.92
CA PRO A 365 -2.20 -16.20 -15.59
C PRO A 365 -2.96 -15.50 -16.72
N MET A 366 -2.87 -14.17 -16.76
CA MET A 366 -3.56 -13.32 -17.77
C MET A 366 -2.57 -12.96 -18.88
N LEU A 367 -1.37 -13.54 -18.87
CA LEU A 367 -0.45 -13.46 -20.05
C LEU A 367 -1.13 -14.17 -21.22
#